data_7T51
#
_entry.id   7T51
#
_cell.length_a   45.528
_cell.length_b   40.898
_cell.length_c   111.090
_cell.angle_alpha   90.000
_cell.angle_beta   92.543
_cell.angle_gamma   90.000
#
_symmetry.space_group_name_H-M   'P 1 21 1'
#
loop_
_entity.id
_entity.type
_entity.pdbx_description
1 polymer 'Molybdate-binding periplasmic protein ModA'
2 non-polymer 'AMMONIUM ION'
3 non-polymer 'MOLYBDATE ION'
4 non-polymer GLYCEROL
5 water water
#
_entity_poly.entity_id   1
_entity_poly.type   'polypeptide(L)'
_entity_poly.pdbx_seq_one_letter_code
;SNADEVQVAVAANFTAPIQAIAKEFEKDTGHRLVAAYGATGQFYTQIKNGAPFQVFLSADDSTPAKLEQEGEVVPGSRFT
YAIGTLALWSPKAGYVDAEGEVLKSGSFRHLSIANPKTAPYGLAATQAMDKLGLAATLGPKLVEGQNISQAYQFVSSGNA
ELGFVALSQIYKDGKVATGSAWIVPTELHDPIRQDAVILNKGKDNAAAKALVDYLKGAKAAALIKSYGYEL
;
_entity_poly.pdbx_strand_id   A,B
#
loop_
_chem_comp.id
_chem_comp.type
_chem_comp.name
_chem_comp.formula
GOL non-polymer GLYCEROL 'C3 H8 O3'
MOO non-polymer 'MOLYBDATE ION' 'Mo O4 -2'
NH4 non-polymer 'AMMONIUM ION' 'H4 N 1'
#
# COMPACT_ATOMS: atom_id res chain seq x y z
N GLU A 5 -18.45 11.62 -0.37
CA GLU A 5 -19.90 11.59 -0.62
C GLU A 5 -20.22 10.52 -1.67
N VAL A 6 -19.91 9.25 -1.43
CA VAL A 6 -20.06 8.16 -2.46
C VAL A 6 -21.02 7.08 -2.01
N GLN A 7 -22.14 6.93 -2.71
CA GLN A 7 -23.04 5.81 -2.48
C GLN A 7 -22.44 4.58 -3.14
N VAL A 8 -22.41 3.46 -2.42
CA VAL A 8 -21.79 2.24 -2.93
C VAL A 8 -22.75 1.08 -2.71
N ALA A 9 -22.99 0.30 -3.77
CA ALA A 9 -23.74 -0.94 -3.68
C ALA A 9 -22.74 -2.09 -3.56
N VAL A 10 -22.90 -2.88 -2.50
CA VAL A 10 -21.91 -3.89 -2.14
C VAL A 10 -22.61 -5.23 -1.95
N ALA A 11 -22.23 -6.23 -2.75
CA ALA A 11 -22.73 -7.57 -2.53
C ALA A 11 -22.42 -8.01 -1.10
N ALA A 12 -23.27 -8.88 -0.56
CA ALA A 12 -23.22 -9.16 0.87
C ALA A 12 -21.89 -9.79 1.28
N ASN A 13 -21.29 -10.60 0.41
CA ASN A 13 -20.04 -11.26 0.77
C ASN A 13 -18.96 -10.25 1.15
N PHE A 14 -19.04 -9.01 0.71
CA PHE A 14 -18.00 -7.99 0.94
C PHE A 14 -18.49 -6.98 1.97
N THR A 15 -19.50 -7.33 2.77
CA THR A 15 -19.95 -6.43 3.84
C THR A 15 -18.79 -6.04 4.76
N ALA A 16 -18.23 -6.95 5.54
CA ALA A 16 -17.09 -6.71 6.46
C ALA A 16 -15.90 -6.06 5.76
N PRO A 17 -15.38 -6.63 4.64
CA PRO A 17 -14.25 -6.03 3.92
C PRO A 17 -14.38 -4.53 3.61
N ILE A 18 -15.54 -4.05 3.16
CA ILE A 18 -15.76 -2.64 2.71
C ILE A 18 -15.86 -1.71 3.91
N GLN A 19 -16.44 -2.17 5.01
CA GLN A 19 -16.62 -1.38 6.25
C GLN A 19 -15.24 -1.01 6.78
N ALA A 20 -14.30 -1.90 6.51
CA ALA A 20 -12.92 -1.83 7.00
C ALA A 20 -12.11 -0.96 6.04
N ILE A 21 -12.29 -1.18 4.74
CA ILE A 21 -11.59 -0.45 3.66
C ILE A 21 -12.06 1.00 3.71
N ALA A 22 -13.29 1.26 4.18
CA ALA A 22 -13.90 2.62 4.26
C ALA A 22 -13.40 3.42 5.48
N LYS A 23 -12.93 2.77 6.53
CA LYS A 23 -12.35 3.47 7.68
C LYS A 23 -11.08 4.14 7.19
N GLU A 24 -10.23 3.39 6.51
CA GLU A 24 -8.97 3.89 5.96
C GLU A 24 -9.29 4.80 4.79
N PHE A 25 -10.28 4.47 3.98
CA PHE A 25 -10.71 5.35 2.88
C PHE A 25 -11.00 6.75 3.45
N GLU A 26 -11.89 6.90 4.43
CA GLU A 26 -12.32 8.20 5.00
C GLU A 26 -11.10 8.93 5.56
N LYS A 27 -10.28 8.21 6.29
CA LYS A 27 -9.09 8.81 6.88
C LYS A 27 -8.07 9.25 5.84
N ASP A 28 -8.10 8.67 4.63
CA ASP A 28 -7.06 8.95 3.64
C ASP A 28 -7.51 9.91 2.54
N THR A 29 -8.77 9.86 2.13
CA THR A 29 -9.24 10.64 1.01
C THR A 29 -10.16 11.79 1.42
N GLY A 30 -10.78 11.66 2.57
CA GLY A 30 -11.71 12.67 3.08
C GLY A 30 -13.10 12.40 2.60
N HIS A 31 -13.24 11.45 1.70
CA HIS A 31 -14.55 11.08 1.14
C HIS A 31 -15.13 10.01 2.06
N ARG A 32 -16.42 10.06 2.38
CA ARG A 32 -17.09 9.02 3.21
C ARG A 32 -17.77 8.02 2.29
N LEU A 33 -17.45 6.73 2.44
CA LEU A 33 -18.13 5.61 1.75
C LEU A 33 -19.41 5.24 2.50
N VAL A 34 -20.58 5.50 1.92
CA VAL A 34 -21.88 5.05 2.51
C VAL A 34 -22.31 3.87 1.66
N ALA A 35 -22.41 2.67 2.23
CA ALA A 35 -22.62 1.46 1.46
C ALA A 35 -23.91 0.76 1.88
N ALA A 36 -24.52 0.09 0.91
CA ALA A 36 -25.67 -0.79 1.14
C ALA A 36 -25.26 -2.22 0.83
N TYR A 37 -25.78 -3.17 1.61
CA TYR A 37 -25.41 -4.57 1.50
C TYR A 37 -26.62 -5.39 1.08
N GLY A 38 -26.37 -6.36 0.20
CA GLY A 38 -27.45 -7.22 -0.28
C GLY A 38 -26.96 -8.14 -1.38
N ALA A 39 -27.91 -8.72 -2.10
CA ALA A 39 -27.59 -9.63 -3.19
C ALA A 39 -27.31 -8.86 -4.47
N THR A 40 -26.40 -9.41 -5.28
CA THR A 40 -25.98 -8.82 -6.58
C THR A 40 -27.22 -8.61 -7.46
N GLY A 41 -28.12 -9.59 -7.58
CA GLY A 41 -29.32 -9.43 -8.40
C GLY A 41 -30.24 -8.34 -7.88
N GLN A 42 -30.40 -8.26 -6.56
CA GLN A 42 -31.22 -7.20 -5.98
C GLN A 42 -30.66 -5.83 -6.35
N PHE A 43 -29.34 -5.66 -6.27
CA PHE A 43 -28.74 -4.40 -6.65
C PHE A 43 -28.92 -4.14 -8.15
N TYR A 44 -28.85 -5.19 -8.96
CA TYR A 44 -29.13 -5.02 -10.39
C TYR A 44 -30.51 -4.40 -10.57
N THR A 45 -31.52 -4.99 -9.93
CA THR A 45 -32.88 -4.46 -10.06
C THR A 45 -32.96 -3.04 -9.54
N GLN A 46 -32.39 -2.77 -8.36
CA GLN A 46 -32.46 -1.43 -7.78
C GLN A 46 -31.79 -0.40 -8.68
N ILE A 47 -30.63 -0.75 -9.24
CA ILE A 47 -29.90 0.18 -10.10
C ILE A 47 -30.69 0.45 -11.37
N LYS A 48 -31.32 -0.58 -11.94
CA LYS A 48 -32.14 -0.38 -13.12
C LYS A 48 -33.36 0.47 -12.82
N ASN A 49 -33.79 0.54 -11.56
CA ASN A 49 -34.96 1.32 -11.17
C ASN A 49 -34.62 2.72 -10.68
N GLY A 50 -33.35 3.12 -10.71
CA GLY A 50 -32.97 4.47 -10.37
C GLY A 50 -32.38 4.66 -8.99
N ALA A 51 -32.01 3.59 -8.29
CA ALA A 51 -31.41 3.71 -6.96
C ALA A 51 -30.24 4.68 -7.01
N PRO A 52 -29.95 5.38 -5.92
CA PRO A 52 -28.92 6.44 -5.95
C PRO A 52 -27.50 5.91 -5.98
N PHE A 53 -27.30 4.60 -5.96
CA PHE A 53 -25.95 4.04 -5.91
C PHE A 53 -25.10 4.61 -7.04
N GLN A 54 -23.82 4.86 -6.72
CA GLN A 54 -22.87 5.42 -7.67
C GLN A 54 -21.76 4.45 -8.03
N VAL A 55 -21.32 3.62 -7.09
CA VAL A 55 -20.35 2.56 -7.33
C VAL A 55 -21.00 1.24 -6.93
N PHE A 56 -20.85 0.22 -7.77
CA PHE A 56 -21.42 -1.10 -7.53
C PHE A 56 -20.29 -2.12 -7.47
N LEU A 57 -20.03 -2.65 -6.28
CA LEU A 57 -19.07 -3.73 -6.10
C LEU A 57 -19.84 -5.04 -6.18
N SER A 58 -19.80 -5.72 -7.32
CA SER A 58 -20.52 -7.00 -7.57
C SER A 58 -19.70 -8.21 -7.10
N ALA A 59 -20.41 -9.30 -6.78
CA ALA A 59 -19.89 -10.64 -6.44
C ALA A 59 -19.59 -11.47 -7.71
N ASP A 60 -19.93 -10.93 -8.88
CA ASP A 60 -19.69 -11.52 -10.21
C ASP A 60 -19.05 -10.47 -11.14
N ASP A 61 -18.80 -10.87 -12.37
CA ASP A 61 -18.28 -10.04 -13.49
C ASP A 61 -19.37 -9.83 -14.52
N SER A 62 -20.42 -10.65 -14.45
CA SER A 62 -21.45 -10.86 -15.49
C SER A 62 -22.51 -9.75 -15.42
N THR A 63 -22.90 -9.35 -14.21
CA THR A 63 -23.98 -8.40 -13.87
C THR A 63 -23.52 -6.94 -14.03
N PRO A 64 -22.32 -6.52 -13.58
CA PRO A 64 -21.75 -5.25 -14.01
C PRO A 64 -21.64 -5.16 -15.55
N ALA A 65 -21.23 -6.23 -16.23
CA ALA A 65 -21.19 -6.25 -17.69
C ALA A 65 -22.60 -6.15 -18.27
N LYS A 66 -23.57 -6.80 -17.61
CA LYS A 66 -24.96 -6.74 -18.05
C LYS A 66 -25.51 -5.33 -17.89
N LEU A 67 -25.15 -4.65 -16.80
CA LEU A 67 -25.56 -3.26 -16.63
C LEU A 67 -24.90 -2.36 -17.67
N GLU A 68 -23.73 -2.76 -18.16
CA GLU A 68 -23.09 -2.00 -19.23
C GLU A 68 -23.77 -2.26 -20.58
N GLN A 69 -24.24 -3.49 -20.82
CA GLN A 69 -25.00 -3.72 -22.03
C GLN A 69 -26.33 -2.96 -22.00
N GLU A 70 -26.79 -2.57 -20.82
CA GLU A 70 -28.08 -1.91 -20.66
C GLU A 70 -27.94 -0.41 -20.48
N GLY A 71 -26.72 0.12 -20.48
CA GLY A 71 -26.52 1.55 -20.44
C GLY A 71 -26.53 2.16 -19.06
N GLU A 72 -26.21 1.39 -18.02
CA GLU A 72 -26.16 1.88 -16.65
C GLU A 72 -24.74 2.03 -16.13
N VAL A 73 -23.73 1.73 -16.96
CA VAL A 73 -22.35 1.68 -16.54
C VAL A 73 -21.55 2.71 -17.33
N VAL A 74 -20.69 3.46 -16.63
CA VAL A 74 -19.73 4.32 -17.30
C VAL A 74 -18.77 3.41 -18.05
N PRO A 75 -18.73 3.43 -19.39
CA PRO A 75 -17.78 2.57 -20.10
C PRO A 75 -16.35 2.90 -19.70
N GLY A 76 -15.57 1.84 -19.47
CA GLY A 76 -14.20 1.98 -19.02
C GLY A 76 -14.02 1.98 -17.52
N SER A 77 -15.10 1.80 -16.76
CA SER A 77 -15.06 1.79 -15.31
C SER A 77 -15.00 0.38 -14.72
N ARG A 78 -15.30 -0.64 -15.53
CA ARG A 78 -15.42 -2.00 -15.07
C ARG A 78 -14.04 -2.61 -14.82
N PHE A 79 -13.79 -3.04 -13.59
CA PHE A 79 -12.54 -3.73 -13.27
C PHE A 79 -12.83 -4.81 -12.23
N THR A 80 -11.85 -5.67 -11.99
CA THR A 80 -11.97 -6.74 -11.01
C THR A 80 -11.31 -6.28 -9.70
N TYR A 81 -12.07 -6.30 -8.60
CA TYR A 81 -11.53 -5.85 -7.33
C TYR A 81 -11.29 -6.99 -6.34
N ALA A 82 -11.86 -8.17 -6.58
CA ALA A 82 -11.71 -9.28 -5.66
C ALA A 82 -12.06 -10.58 -6.38
N ILE A 83 -11.41 -11.66 -5.95
CA ILE A 83 -11.72 -13.01 -6.42
C ILE A 83 -12.01 -13.82 -5.17
N GLY A 84 -13.25 -14.28 -5.02
CA GLY A 84 -13.68 -14.95 -3.82
C GLY A 84 -13.56 -16.46 -3.89
N THR A 85 -13.93 -17.11 -2.78
CA THR A 85 -13.87 -18.56 -2.67
C THR A 85 -15.10 -19.05 -1.92
N LEU A 86 -15.55 -20.25 -2.28
CA LEU A 86 -16.69 -20.90 -1.65
C LEU A 86 -16.19 -21.96 -0.69
N ALA A 87 -16.84 -22.07 0.48
CA ALA A 87 -16.41 -23.02 1.49
C ALA A 87 -17.63 -23.67 2.13
N LEU A 88 -17.60 -24.99 2.23
CA LEU A 88 -18.58 -25.68 3.05
C LEU A 88 -18.20 -25.48 4.52
N TRP A 89 -19.13 -24.99 5.33
CA TRP A 89 -18.76 -24.54 6.66
C TRP A 89 -19.85 -24.87 7.66
N SER A 90 -19.40 -25.11 8.90
CA SER A 90 -20.28 -25.25 10.05
C SER A 90 -19.53 -24.79 11.29
N PRO A 91 -20.18 -24.02 12.19
CA PRO A 91 -19.55 -23.56 13.43
C PRO A 91 -19.06 -24.73 14.29
N LYS A 92 -19.70 -25.89 14.12
CA LYS A 92 -19.38 -27.18 14.79
C LYS A 92 -18.18 -27.84 14.09
N ALA A 93 -17.12 -28.08 14.87
CA ALA A 93 -15.76 -28.42 14.45
C ALA A 93 -15.66 -29.91 14.12
N GLY A 94 -16.65 -30.69 14.55
CA GLY A 94 -16.71 -32.14 14.33
C GLY A 94 -17.35 -32.53 13.02
N TYR A 95 -18.15 -31.65 12.41
CA TYR A 95 -19.24 -32.03 11.48
C TYR A 95 -18.74 -31.98 10.04
N VAL A 96 -18.17 -30.86 9.63
CA VAL A 96 -17.67 -30.65 8.25
C VAL A 96 -16.21 -31.07 8.21
N ASP A 97 -15.94 -32.17 7.52
CA ASP A 97 -14.58 -32.74 7.36
C ASP A 97 -13.85 -31.97 6.25
N ALA A 98 -12.55 -32.22 6.12
CA ALA A 98 -11.55 -31.39 5.41
C ALA A 98 -11.48 -31.85 3.95
N GLU A 99 -12.21 -32.93 3.62
CA GLU A 99 -12.41 -33.41 2.24
C GLU A 99 -13.87 -33.18 1.82
N GLY A 100 -14.71 -32.72 2.74
CA GLY A 100 -16.15 -32.47 2.53
C GLY A 100 -16.93 -33.73 2.20
N GLU A 101 -16.62 -34.86 2.84
CA GLU A 101 -17.36 -36.12 2.67
C GLU A 101 -18.78 -36.03 3.17
N VAL A 102 -19.10 -35.05 4.03
CA VAL A 102 -20.44 -34.97 4.59
C VAL A 102 -21.47 -34.74 3.49
N LEU A 103 -21.12 -33.95 2.47
CA LEU A 103 -22.02 -33.79 1.33
C LEU A 103 -22.43 -35.14 0.77
N LYS A 104 -21.50 -36.08 0.70
CA LYS A 104 -21.78 -37.39 0.11
C LYS A 104 -22.52 -38.29 1.09
N SER A 105 -22.16 -38.24 2.38
CA SER A 105 -22.59 -39.25 3.34
C SER A 105 -23.19 -38.69 4.62
N GLY A 106 -23.31 -37.37 4.75
CA GLY A 106 -23.80 -36.81 6.00
C GLY A 106 -25.24 -37.19 6.34
N SER A 107 -25.61 -36.82 7.57
CA SER A 107 -26.92 -37.03 8.13
C SER A 107 -27.70 -35.73 8.27
N PHE A 108 -27.16 -34.65 7.72
CA PHE A 108 -27.78 -33.33 7.85
C PHE A 108 -29.02 -33.21 6.99
N ARG A 109 -29.95 -32.38 7.46
CA ARG A 109 -31.24 -32.16 6.82
C ARG A 109 -31.37 -30.79 6.18
N HIS A 110 -30.52 -29.84 6.56
CA HIS A 110 -30.61 -28.46 6.08
C HIS A 110 -29.24 -28.01 5.59
N LEU A 111 -29.18 -27.52 4.36
CA LEU A 111 -27.96 -27.00 3.76
C LEU A 111 -28.21 -25.59 3.27
N SER A 112 -27.45 -24.63 3.80
CA SER A 112 -27.67 -23.22 3.49
C SER A 112 -26.89 -22.82 2.24
N ILE A 113 -27.59 -22.26 1.27
CA ILE A 113 -26.98 -21.58 0.14
C ILE A 113 -27.64 -20.21 -0.01
N ALA A 114 -26.99 -19.35 -0.79
CA ALA A 114 -27.58 -18.07 -1.15
C ALA A 114 -28.49 -18.24 -2.35
N ASN A 115 -29.52 -17.41 -2.42
CA ASN A 115 -30.43 -17.40 -3.56
C ASN A 115 -29.63 -17.42 -4.86
N PRO A 116 -29.51 -18.57 -5.54
CA PRO A 116 -28.64 -18.64 -6.72
C PRO A 116 -29.14 -17.85 -7.91
N LYS A 117 -30.36 -17.33 -7.86
CA LYS A 117 -30.85 -16.46 -8.92
C LYS A 117 -30.40 -15.01 -8.74
N THR A 118 -30.06 -14.62 -7.51
CA THR A 118 -29.57 -13.27 -7.25
C THR A 118 -28.17 -13.23 -6.66
N ALA A 119 -27.71 -14.30 -6.02
CA ALA A 119 -26.44 -14.28 -5.30
C ALA A 119 -25.40 -15.11 -6.05
N PRO A 120 -24.38 -14.47 -6.65
CA PRO A 120 -23.25 -15.18 -7.23
C PRO A 120 -22.70 -16.35 -6.40
N TYR A 121 -22.52 -16.22 -5.08
CA TYR A 121 -22.03 -17.32 -4.25
C TYR A 121 -23.02 -18.48 -4.21
N GLY A 122 -24.32 -18.19 -4.29
CA GLY A 122 -25.29 -19.26 -4.39
C GLY A 122 -25.22 -20.00 -5.71
N LEU A 123 -24.97 -19.27 -6.80
CA LEU A 123 -24.77 -19.91 -8.08
C LEU A 123 -23.52 -20.79 -8.05
N ALA A 124 -22.46 -20.33 -7.37
CA ALA A 124 -21.27 -21.15 -7.22
C ALA A 124 -21.59 -22.41 -6.43
N ALA A 125 -22.47 -22.30 -5.43
CA ALA A 125 -22.87 -23.48 -4.65
C ALA A 125 -23.60 -24.48 -5.53
N THR A 126 -24.55 -24.01 -6.34
CA THR A 126 -25.28 -24.91 -7.20
C THR A 126 -24.38 -25.50 -8.28
N GLN A 127 -23.42 -24.72 -8.78
CA GLN A 127 -22.49 -25.25 -9.77
C GLN A 127 -21.61 -26.34 -9.19
N ALA A 128 -21.10 -26.14 -7.97
CA ALA A 128 -20.23 -27.15 -7.36
C ALA A 128 -21.02 -28.41 -7.03
N MET A 129 -22.28 -28.25 -6.60
CA MET A 129 -23.11 -29.42 -6.37
C MET A 129 -23.44 -30.13 -7.68
N ASP A 130 -23.58 -29.39 -8.77
CA ASP A 130 -23.77 -30.01 -10.08
C ASP A 130 -22.57 -30.86 -10.46
N LYS A 131 -21.39 -30.23 -10.57
CA LYS A 131 -20.21 -30.98 -11.02
C LYS A 131 -19.76 -32.04 -10.02
N LEU A 132 -20.23 -31.99 -8.78
CA LEU A 132 -19.97 -33.07 -7.84
C LEU A 132 -20.94 -34.22 -7.99
N GLY A 133 -21.96 -34.09 -8.83
CA GLY A 133 -22.92 -35.16 -9.01
C GLY A 133 -23.89 -35.34 -7.86
N LEU A 134 -24.06 -34.32 -7.03
CA LEU A 134 -24.90 -34.40 -5.85
C LEU A 134 -26.04 -33.39 -5.90
N ALA A 135 -26.53 -33.09 -7.11
CA ALA A 135 -27.59 -32.10 -7.25
C ALA A 135 -28.95 -32.68 -6.88
N ALA A 136 -29.26 -33.88 -7.38
CA ALA A 136 -30.55 -34.47 -7.09
C ALA A 136 -30.67 -34.89 -5.63
N THR A 137 -29.57 -35.38 -5.05
CA THR A 137 -29.61 -35.85 -3.67
C THR A 137 -29.62 -34.70 -2.67
N LEU A 138 -28.99 -33.57 -3.01
CA LEU A 138 -28.89 -32.44 -2.10
C LEU A 138 -29.98 -31.40 -2.30
N GLY A 139 -30.58 -31.32 -3.48
CA GLY A 139 -31.60 -30.36 -3.78
C GLY A 139 -32.69 -30.25 -2.73
N PRO A 140 -33.39 -31.36 -2.47
CA PRO A 140 -34.45 -31.33 -1.45
C PRO A 140 -34.01 -30.76 -0.11
N LYS A 141 -32.73 -30.84 0.22
CA LYS A 141 -32.23 -30.40 1.51
C LYS A 141 -31.82 -28.93 1.52
N LEU A 142 -31.89 -28.25 0.38
CA LEU A 142 -31.38 -26.89 0.28
C LEU A 142 -32.32 -25.91 0.97
N VAL A 143 -31.72 -24.84 1.51
CA VAL A 143 -32.47 -23.69 2.04
C VAL A 143 -31.72 -22.45 1.61
N GLU A 144 -32.45 -21.46 1.11
CA GLU A 144 -31.86 -20.30 0.44
C GLU A 144 -32.01 -19.06 1.31
N GLY A 145 -30.93 -18.27 1.35
CA GLY A 145 -30.97 -16.95 1.95
C GLY A 145 -31.08 -15.88 0.89
N GLN A 146 -31.62 -14.72 1.30
CA GLN A 146 -31.75 -13.61 0.37
C GLN A 146 -30.40 -13.21 -0.20
N ASN A 147 -29.32 -13.49 0.54
CA ASN A 147 -27.96 -13.19 0.10
C ASN A 147 -27.01 -14.10 0.87
N ILE A 148 -25.74 -14.05 0.51
CA ILE A 148 -24.76 -14.94 1.11
C ILE A 148 -24.65 -14.71 2.62
N SER A 149 -24.87 -13.46 3.06
CA SER A 149 -24.84 -13.17 4.49
C SER A 149 -25.92 -13.94 5.23
N GLN A 150 -27.15 -13.92 4.70
CA GLN A 150 -28.25 -14.63 5.34
C GLN A 150 -28.03 -16.13 5.32
N ALA A 151 -27.38 -16.64 4.27
CA ALA A 151 -27.07 -18.07 4.22
C ALA A 151 -26.04 -18.43 5.28
N TYR A 152 -25.02 -17.60 5.49
CA TYR A 152 -24.07 -17.83 6.56
C TYR A 152 -24.76 -17.78 7.92
N GLN A 153 -25.69 -16.84 8.09
CA GLN A 153 -26.37 -16.70 9.37
C GLN A 153 -27.30 -17.87 9.66
N PHE A 154 -27.85 -18.49 8.62
CA PHE A 154 -28.68 -19.68 8.85
C PHE A 154 -27.89 -20.76 9.59
N VAL A 155 -26.59 -20.87 9.35
CA VAL A 155 -25.72 -21.91 9.99
C VAL A 155 -25.25 -21.40 11.35
N SER A 156 -24.76 -20.16 11.41
CA SER A 156 -24.22 -19.49 12.61
C SER A 156 -25.27 -19.53 13.75
N SER A 157 -26.52 -19.34 13.37
CA SER A 157 -27.71 -19.24 14.23
C SER A 157 -28.23 -20.64 14.59
N GLY A 158 -28.02 -21.63 13.73
CA GLY A 158 -28.44 -22.99 14.01
C GLY A 158 -29.61 -23.48 13.19
N ASN A 159 -30.08 -22.72 12.20
CA ASN A 159 -31.16 -23.17 11.33
C ASN A 159 -30.69 -24.09 10.23
N ALA A 160 -29.38 -24.36 10.14
CA ALA A 160 -28.85 -25.37 9.23
C ALA A 160 -27.55 -25.90 9.81
N GLU A 161 -27.20 -27.14 9.48
CA GLU A 161 -26.03 -27.84 10.08
C GLU A 161 -24.74 -27.48 9.35
N LEU A 162 -24.85 -26.95 8.15
CA LEU A 162 -23.69 -26.58 7.34
C LEU A 162 -24.21 -25.74 6.19
N GLY A 163 -23.33 -25.04 5.50
CA GLY A 163 -23.74 -24.28 4.32
C GLY A 163 -22.58 -23.87 3.45
N PHE A 164 -22.85 -23.50 2.21
CA PHE A 164 -21.85 -22.95 1.29
C PHE A 164 -21.76 -21.46 1.56
N VAL A 165 -20.64 -21.03 2.12
CA VAL A 165 -20.46 -19.65 2.58
C VAL A 165 -19.28 -19.04 1.84
N ALA A 166 -19.26 -17.70 1.85
CA ALA A 166 -18.12 -16.98 1.32
C ALA A 166 -16.95 -17.10 2.28
N LEU A 167 -15.75 -17.34 1.71
CA LEU A 167 -14.58 -17.49 2.55
C LEU A 167 -14.34 -16.25 3.40
N SER A 168 -14.77 -15.08 2.92
CA SER A 168 -14.62 -13.84 3.66
C SER A 168 -15.27 -13.89 5.04
N GLN A 169 -16.21 -14.80 5.25
CA GLN A 169 -16.99 -14.85 6.48
C GLN A 169 -16.39 -15.74 7.55
N ILE A 170 -15.35 -16.49 7.26
CA ILE A 170 -14.78 -17.47 8.20
C ILE A 170 -13.26 -17.38 8.17
N TYR A 171 -12.66 -16.38 7.55
CA TYR A 171 -11.21 -16.34 7.22
C TYR A 171 -10.52 -15.18 7.93
N LYS A 172 -9.25 -15.43 8.28
CA LYS A 172 -8.36 -14.67 9.18
C LYS A 172 -7.34 -13.99 8.31
N ASP A 173 -6.15 -13.76 8.83
CA ASP A 173 -4.96 -13.44 8.01
C ASP A 173 -4.25 -14.74 7.68
N GLY A 174 -4.78 -15.50 6.73
CA GLY A 174 -4.17 -16.75 6.25
C GLY A 174 -5.10 -17.94 6.37
N LYS A 175 -5.95 -17.95 7.40
CA LYS A 175 -6.54 -19.19 7.99
C LYS A 175 -8.06 -19.03 8.18
N VAL A 176 -8.81 -20.12 8.05
CA VAL A 176 -10.20 -20.25 8.52
C VAL A 176 -10.07 -20.13 10.03
N ALA A 177 -10.82 -19.24 10.67
CA ALA A 177 -10.63 -18.90 12.08
C ALA A 177 -11.74 -19.47 12.94
N THR A 178 -12.70 -20.14 12.35
CA THR A 178 -13.87 -20.56 13.11
C THR A 178 -14.45 -21.83 12.52
N GLY A 179 -14.96 -22.69 13.41
CA GLY A 179 -15.71 -23.91 13.07
C GLY A 179 -14.90 -24.90 12.24
N SER A 180 -15.53 -25.39 11.17
CA SER A 180 -15.09 -26.53 10.33
C SER A 180 -15.36 -26.23 8.86
N ALA A 181 -14.32 -26.22 8.01
CA ALA A 181 -14.47 -25.79 6.63
C ALA A 181 -13.91 -26.76 5.60
N TRP A 182 -14.47 -26.73 4.41
CA TRP A 182 -13.97 -27.47 3.25
C TRP A 182 -13.80 -26.43 2.14
N ILE A 183 -12.58 -26.22 1.65
CA ILE A 183 -12.35 -25.30 0.54
C ILE A 183 -12.88 -25.94 -0.73
N VAL A 184 -14.01 -25.45 -1.22
CA VAL A 184 -14.57 -25.93 -2.49
C VAL A 184 -13.51 -25.72 -3.57
N PRO A 185 -12.92 -26.79 -4.13
CA PRO A 185 -11.93 -26.59 -5.18
C PRO A 185 -12.56 -25.92 -6.40
N THR A 186 -11.79 -25.04 -7.03
CA THR A 186 -12.32 -24.17 -8.07
C THR A 186 -12.77 -24.92 -9.32
N GLU A 187 -12.32 -26.16 -9.51
CA GLU A 187 -12.69 -26.88 -10.73
C GLU A 187 -14.20 -27.13 -10.82
N LEU A 188 -14.92 -27.00 -9.71
CA LEU A 188 -16.33 -27.38 -9.66
C LEU A 188 -17.28 -26.23 -9.97
N HIS A 189 -16.79 -24.99 -10.04
CA HIS A 189 -17.65 -23.87 -10.37
C HIS A 189 -16.83 -22.82 -11.09
N ASP A 190 -17.53 -21.87 -11.70
CA ASP A 190 -16.86 -20.77 -12.36
C ASP A 190 -16.09 -19.94 -11.32
N PRO A 191 -14.89 -19.47 -11.63
CA PRO A 191 -14.16 -18.64 -10.66
C PRO A 191 -15.01 -17.44 -10.24
N ILE A 192 -14.97 -17.13 -8.95
CA ILE A 192 -15.85 -16.11 -8.30
C ILE A 192 -15.18 -14.75 -8.48
N ARG A 193 -15.14 -14.30 -9.73
CA ARG A 193 -14.56 -12.99 -10.11
C ARG A 193 -15.61 -11.91 -9.84
N GLN A 194 -15.24 -10.99 -8.96
CA GLN A 194 -16.06 -9.90 -8.42
C GLN A 194 -15.56 -8.60 -9.07
N ASP A 195 -16.40 -8.02 -9.90
CA ASP A 195 -16.11 -6.79 -10.67
C ASP A 195 -16.76 -5.59 -9.96
N ALA A 196 -16.01 -4.50 -9.89
CA ALA A 196 -16.47 -3.17 -9.50
C ALA A 196 -16.70 -2.33 -10.75
N VAL A 197 -17.53 -1.30 -10.59
CA VAL A 197 -18.06 -0.55 -11.72
C VAL A 197 -18.53 0.80 -11.18
N ILE A 198 -18.37 1.84 -12.01
CA ILE A 198 -18.95 3.14 -11.74
C ILE A 198 -20.23 3.26 -12.55
N LEU A 199 -21.30 3.69 -11.90
CA LEU A 199 -22.61 3.73 -12.54
C LEU A 199 -22.83 5.10 -13.18
N ASN A 200 -23.94 5.19 -13.92
CA ASN A 200 -24.24 6.44 -14.63
C ASN A 200 -24.15 7.64 -13.70
N LYS A 201 -24.67 7.52 -12.48
CA LYS A 201 -24.72 8.65 -11.56
C LYS A 201 -23.39 8.92 -10.85
N GLY A 202 -22.33 8.18 -11.17
CA GLY A 202 -20.99 8.45 -10.69
C GLY A 202 -20.02 8.93 -11.75
N LYS A 203 -20.51 9.29 -12.93
CA LYS A 203 -19.66 9.63 -14.07
C LYS A 203 -18.62 10.69 -13.77
N ASP A 204 -18.95 11.68 -12.93
CA ASP A 204 -18.01 12.74 -12.60
C ASP A 204 -18.03 13.05 -11.11
N ASN A 205 -18.16 12.01 -10.29
CA ASN A 205 -18.08 12.15 -8.84
C ASN A 205 -16.68 11.85 -8.35
N ALA A 206 -16.17 12.72 -7.47
CA ALA A 206 -14.79 12.60 -7.01
C ALA A 206 -14.65 11.51 -5.95
N ALA A 207 -15.69 11.29 -5.18
CA ALA A 207 -15.70 10.20 -4.17
C ALA A 207 -15.72 8.84 -4.88
N ALA A 208 -16.32 8.74 -6.07
CA ALA A 208 -16.33 7.50 -6.84
C ALA A 208 -14.96 7.21 -7.45
N LYS A 209 -14.38 8.20 -8.14
CA LYS A 209 -13.06 8.03 -8.73
C LYS A 209 -12.02 7.75 -7.64
N ALA A 210 -12.08 8.51 -6.55
CA ALA A 210 -11.17 8.27 -5.43
C ALA A 210 -11.32 6.85 -4.93
N LEU A 211 -12.54 6.33 -4.82
CA LEU A 211 -12.76 4.99 -4.25
C LEU A 211 -12.22 3.93 -5.21
N VAL A 212 -12.47 4.03 -6.48
CA VAL A 212 -11.99 2.95 -7.34
C VAL A 212 -10.48 3.05 -7.57
N ASP A 213 -9.89 4.24 -7.48
CA ASP A 213 -8.43 4.30 -7.44
C ASP A 213 -7.88 3.70 -6.15
N TYR A 214 -8.58 3.80 -5.04
CA TYR A 214 -8.13 3.29 -3.72
C TYR A 214 -8.40 1.78 -3.61
N LEU A 215 -9.40 1.23 -4.29
CA LEU A 215 -9.70 -0.23 -4.30
C LEU A 215 -8.59 -0.92 -5.07
N LYS A 216 -7.90 -0.20 -5.97
CA LYS A 216 -6.72 -0.70 -6.66
C LYS A 216 -5.44 -0.34 -5.94
N GLY A 217 -5.54 0.26 -4.76
CA GLY A 217 -4.39 0.71 -4.01
C GLY A 217 -3.77 -0.40 -3.19
N ALA A 218 -2.92 0.02 -2.25
CA ALA A 218 -2.16 -0.90 -1.41
C ALA A 218 -2.84 -1.19 -0.08
N LYS A 219 -3.40 -0.20 0.56
CA LYS A 219 -4.11 -0.35 1.83
C LYS A 219 -5.29 -1.30 1.63
N ALA A 220 -6.08 -1.08 0.58
CA ALA A 220 -7.27 -1.87 0.22
C ALA A 220 -6.85 -3.23 -0.33
N ALA A 221 -5.78 -3.27 -1.08
CA ALA A 221 -5.36 -4.58 -1.56
C ALA A 221 -4.94 -5.48 -0.42
N ALA A 222 -4.21 -4.91 0.56
CA ALA A 222 -3.78 -5.69 1.71
C ALA A 222 -4.98 -6.13 2.55
N LEU A 223 -6.01 -5.31 2.70
CA LEU A 223 -7.24 -5.70 3.42
C LEU A 223 -8.01 -6.78 2.64
N ILE A 224 -8.13 -6.66 1.32
CA ILE A 224 -8.89 -7.61 0.47
C ILE A 224 -8.16 -8.95 0.52
N LYS A 225 -6.85 -9.00 0.76
CA LYS A 225 -6.14 -10.29 0.83
C LYS A 225 -6.15 -10.84 2.28
N SER A 226 -6.55 -10.04 3.26
CA SER A 226 -6.68 -10.41 4.69
C SER A 226 -7.97 -11.18 4.93
N TYR A 227 -8.86 -11.17 3.94
CA TYR A 227 -10.25 -11.66 4.05
C TYR A 227 -10.36 -12.94 3.22
N GLY A 228 -9.28 -13.28 2.52
CA GLY A 228 -9.14 -14.54 1.79
C GLY A 228 -9.29 -14.35 0.29
N TYR A 229 -9.50 -13.12 -0.20
CA TYR A 229 -9.63 -12.90 -1.63
C TYR A 229 -8.24 -12.92 -2.29
N GLU A 230 -8.25 -13.08 -3.61
CA GLU A 230 -7.03 -12.99 -4.40
C GLU A 230 -7.17 -11.88 -5.42
N LEU A 231 -6.05 -11.47 -6.00
CA LEU A 231 -6.04 -10.42 -7.01
C LEU A 231 -5.08 -10.78 -8.15
N GLU B 5 13.37 -9.53 -7.75
CA GLU B 5 14.17 -8.31 -7.75
C GLU B 5 13.29 -7.06 -7.78
N VAL B 6 13.66 -6.07 -6.98
CA VAL B 6 12.96 -4.80 -6.90
C VAL B 6 13.94 -3.68 -7.25
N GLN B 7 13.70 -2.99 -8.37
CA GLN B 7 14.43 -1.78 -8.66
C GLN B 7 14.03 -0.67 -7.69
N VAL B 8 15.02 0.00 -7.11
CA VAL B 8 14.79 1.03 -6.11
C VAL B 8 15.65 2.24 -6.44
N ALA B 9 15.02 3.42 -6.46
CA ALA B 9 15.73 4.69 -6.58
C ALA B 9 15.94 5.25 -5.18
N VAL B 10 17.20 5.55 -4.84
CA VAL B 10 17.58 5.89 -3.49
C VAL B 10 18.36 7.20 -3.52
N ALA B 11 17.84 8.22 -2.83
CA ALA B 11 18.58 9.46 -2.65
C ALA B 11 19.93 9.16 -2.02
N ALA B 12 20.92 10.00 -2.34
CA ALA B 12 22.30 9.68 -2.00
C ALA B 12 22.52 9.58 -0.50
N ASN B 13 21.80 10.39 0.29
CA ASN B 13 22.02 10.37 1.73
C ASN B 13 21.79 8.99 2.33
N PHE B 14 21.02 8.13 1.67
CA PHE B 14 20.63 6.80 2.19
C PHE B 14 21.41 5.72 1.45
N THR B 15 22.51 6.07 0.79
CA THR B 15 23.32 5.05 0.14
C THR B 15 23.78 3.98 1.13
N ALA B 16 24.59 4.38 2.11
CA ALA B 16 25.10 3.41 3.07
C ALA B 16 24.00 2.76 3.89
N PRO B 17 23.01 3.49 4.47
CA PRO B 17 21.97 2.81 5.26
C PRO B 17 21.18 1.67 4.56
N ILE B 18 20.76 1.82 3.31
CA ILE B 18 19.95 0.79 2.58
C ILE B 18 20.82 -0.42 2.24
N GLN B 19 22.04 -0.23 1.83
CA GLN B 19 22.99 -1.34 1.58
C GLN B 19 22.97 -2.28 2.79
N ALA B 20 22.80 -1.74 3.99
CA ALA B 20 22.78 -2.55 5.22
C ALA B 20 21.37 -3.10 5.42
N ILE B 21 20.33 -2.33 5.11
CA ILE B 21 18.92 -2.81 5.14
C ILE B 21 18.77 -3.92 4.10
N ALA B 22 19.44 -3.81 2.96
CA ALA B 22 19.37 -4.75 1.82
C ALA B 22 19.82 -6.13 2.23
N LYS B 23 21.00 -6.23 2.80
CA LYS B 23 21.58 -7.52 3.21
C LYS B 23 20.60 -8.21 4.14
N GLU B 24 20.09 -7.51 5.14
CA GLU B 24 19.15 -8.09 6.13
C GLU B 24 17.79 -8.33 5.48
N PHE B 25 17.34 -7.43 4.61
CA PHE B 25 16.00 -7.52 3.96
C PHE B 25 15.99 -8.78 3.12
N GLU B 26 17.09 -9.08 2.45
CA GLU B 26 17.20 -10.27 1.60
C GLU B 26 17.39 -11.50 2.45
N LYS B 27 18.26 -11.45 3.45
CA LYS B 27 18.40 -12.60 4.32
C LYS B 27 17.07 -13.05 4.87
N ASP B 28 16.08 -12.17 4.92
CA ASP B 28 14.80 -12.50 5.52
C ASP B 28 13.73 -12.80 4.48
N THR B 29 13.77 -12.14 3.32
CA THR B 29 12.67 -12.25 2.38
C THR B 29 13.02 -13.01 1.10
N GLY B 30 14.30 -13.21 0.80
CA GLY B 30 14.69 -13.81 -0.45
C GLY B 30 14.68 -12.87 -1.64
N HIS B 31 14.02 -11.71 -1.53
CA HIS B 31 14.00 -10.74 -2.61
C HIS B 31 15.31 -9.95 -2.63
N ARG B 32 15.72 -9.57 -3.83
CA ARG B 32 17.00 -8.90 -4.05
C ARG B 32 16.74 -7.41 -4.24
N LEU B 33 17.37 -6.57 -3.44
CA LEU B 33 17.27 -5.11 -3.62
C LEU B 33 18.39 -4.60 -4.55
N VAL B 34 18.07 -4.19 -5.78
CA VAL B 34 18.98 -3.61 -6.77
C VAL B 34 18.73 -2.10 -6.76
N ALA B 35 19.72 -1.34 -6.30
CA ALA B 35 19.53 0.07 -6.00
C ALA B 35 20.43 0.96 -6.84
N ALA B 36 19.92 2.13 -7.17
CA ALA B 36 20.68 3.21 -7.79
C ALA B 36 20.73 4.40 -6.84
N TYR B 37 21.87 5.09 -6.81
CA TYR B 37 22.09 6.19 -5.89
C TYR B 37 22.25 7.49 -6.65
N GLY B 38 21.71 8.57 -6.10
CA GLY B 38 21.79 9.90 -6.69
C GLY B 38 20.91 10.92 -6.00
N ALA B 39 20.65 12.03 -6.66
CA ALA B 39 19.83 13.12 -6.12
C ALA B 39 18.35 12.84 -6.37
N THR B 40 17.47 13.33 -5.49
CA THR B 40 16.00 13.13 -5.55
C THR B 40 15.43 13.69 -6.85
N GLY B 41 15.93 14.84 -7.30
CA GLY B 41 15.45 15.51 -8.52
C GLY B 41 15.87 14.76 -9.75
N GLN B 42 17.03 14.15 -9.69
CA GLN B 42 17.53 13.33 -10.80
C GLN B 42 16.62 12.11 -10.92
N PHE B 43 16.23 11.51 -9.80
CA PHE B 43 15.37 10.31 -9.79
C PHE B 43 13.96 10.71 -10.26
N TYR B 44 13.53 11.90 -9.91
CA TYR B 44 12.23 12.45 -10.32
C TYR B 44 12.17 12.57 -11.83
N THR B 45 13.18 13.16 -12.45
CA THR B 45 13.27 13.35 -13.90
C THR B 45 13.33 11.96 -14.57
N GLN B 46 14.21 11.08 -14.08
CA GLN B 46 14.37 9.71 -14.60
C GLN B 46 13.05 8.93 -14.48
N ILE B 47 12.29 9.07 -13.38
CA ILE B 47 11.05 8.28 -13.13
C ILE B 47 9.96 8.83 -14.05
N LYS B 48 9.92 10.13 -14.29
CA LYS B 48 8.96 10.66 -15.25
C LYS B 48 9.29 10.26 -16.69
N ASN B 49 10.54 9.88 -16.97
CA ASN B 49 10.93 9.49 -18.31
C ASN B 49 10.85 7.99 -18.55
N GLY B 50 10.36 7.21 -17.59
CA GLY B 50 10.13 5.80 -17.78
C GLY B 50 11.17 4.88 -17.20
N ALA B 51 12.10 5.38 -16.38
CA ALA B 51 13.12 4.55 -15.77
C ALA B 51 12.47 3.34 -15.09
N PRO B 52 13.16 2.20 -15.00
CA PRO B 52 12.53 0.99 -14.47
C PRO B 52 12.31 0.99 -12.97
N PHE B 53 12.72 2.04 -12.26
CA PHE B 53 12.59 2.07 -10.81
C PHE B 53 11.15 1.79 -10.40
N GLN B 54 11.00 1.01 -9.32
CA GLN B 54 9.69 0.67 -8.77
C GLN B 54 9.44 1.25 -7.38
N VAL B 55 10.48 1.37 -6.56
CA VAL B 55 10.39 2.01 -5.26
C VAL B 55 11.37 3.19 -5.25
N PHE B 56 10.91 4.32 -4.73
CA PHE B 56 11.71 5.54 -4.70
C PHE B 56 11.88 5.97 -3.24
N LEU B 57 13.10 5.85 -2.74
CA LEU B 57 13.46 6.35 -1.41
C LEU B 57 13.97 7.78 -1.56
N SER B 58 13.10 8.75 -1.30
CA SER B 58 13.42 10.15 -1.49
C SER B 58 14.09 10.73 -0.25
N ALA B 59 14.88 11.78 -0.46
CA ALA B 59 15.47 12.53 0.64
C ALA B 59 14.56 13.63 1.15
N ASP B 60 13.40 13.84 0.51
CA ASP B 60 12.42 14.81 0.96
C ASP B 60 11.05 14.14 1.02
N ASP B 61 10.06 14.92 1.40
CA ASP B 61 8.67 14.49 1.35
C ASP B 61 7.89 15.19 0.25
N SER B 62 8.47 16.22 -0.38
CA SER B 62 7.73 17.00 -1.37
C SER B 62 7.77 16.38 -2.75
N THR B 63 8.82 15.63 -3.09
CA THR B 63 8.95 15.07 -4.44
C THR B 63 8.10 13.82 -4.63
N PRO B 64 8.10 12.87 -3.70
CA PRO B 64 7.10 11.78 -3.80
C PRO B 64 5.68 12.30 -3.80
N ALA B 65 5.38 13.30 -2.97
CA ALA B 65 4.04 13.90 -2.99
C ALA B 65 3.74 14.53 -4.34
N LYS B 66 4.75 15.15 -4.97
CA LYS B 66 4.55 15.71 -6.30
C LYS B 66 4.31 14.61 -7.32
N LEU B 67 5.00 13.49 -7.17
CA LEU B 67 4.78 12.35 -8.08
C LEU B 67 3.39 11.76 -7.89
N GLU B 68 2.80 11.88 -6.70
CA GLU B 68 1.45 11.34 -6.53
C GLU B 68 0.39 12.25 -7.14
N GLN B 69 0.57 13.57 -7.06
CA GLN B 69 -0.35 14.47 -7.76
C GLN B 69 -0.22 14.34 -9.27
N GLU B 70 0.87 13.76 -9.76
CA GLU B 70 1.14 13.62 -11.18
C GLU B 70 0.80 12.24 -11.72
N GLY B 71 0.32 11.34 -10.87
CA GLY B 71 -0.12 10.03 -11.34
C GLY B 71 0.99 9.00 -11.47
N GLU B 72 2.08 9.17 -10.72
CA GLU B 72 3.20 8.23 -10.75
C GLU B 72 3.29 7.38 -9.49
N VAL B 73 2.36 7.53 -8.56
CA VAL B 73 2.44 6.89 -7.25
C VAL B 73 1.27 5.92 -7.10
N VAL B 74 1.57 4.71 -6.65
CA VAL B 74 0.55 3.73 -6.26
C VAL B 74 -0.21 4.27 -5.06
N PRO B 75 -1.53 4.46 -5.16
CA PRO B 75 -2.26 5.02 -4.01
C PRO B 75 -2.08 4.18 -2.77
N GLY B 76 -1.81 4.84 -1.64
CA GLY B 76 -1.60 4.17 -0.38
C GLY B 76 -0.18 3.78 -0.07
N SER B 77 0.78 4.10 -0.93
CA SER B 77 2.16 3.70 -0.75
C SER B 77 3.03 4.79 -0.12
N ARG B 78 2.58 6.04 -0.10
CA ARG B 78 3.42 7.15 0.35
C ARG B 78 3.54 7.09 1.87
N PHE B 79 4.76 6.94 2.38
CA PHE B 79 4.96 6.98 3.81
C PHE B 79 6.33 7.59 4.11
N THR B 80 6.56 7.92 5.37
CA THR B 80 7.83 8.49 5.81
C THR B 80 8.67 7.38 6.42
N TYR B 81 9.87 7.17 5.87
CA TYR B 81 10.74 6.09 6.33
C TYR B 81 11.95 6.57 7.12
N ALA B 82 12.31 7.84 7.03
CA ALA B 82 13.48 8.41 7.74
C ALA B 82 13.28 9.90 7.92
N ILE B 83 13.81 10.45 9.01
CA ILE B 83 13.99 11.91 9.22
C ILE B 83 15.48 12.16 9.44
N GLY B 84 16.06 13.00 8.60
CA GLY B 84 17.50 13.30 8.63
C GLY B 84 17.84 14.53 9.46
N THR B 85 19.13 14.65 9.80
CA THR B 85 19.77 15.84 10.40
C THR B 85 20.86 16.35 9.44
N LEU B 86 21.05 17.66 9.40
CA LEU B 86 22.11 18.36 8.69
C LEU B 86 23.24 18.68 9.65
N ALA B 87 24.48 18.52 9.19
CA ALA B 87 25.62 18.78 10.04
C ALA B 87 26.72 19.46 9.26
N LEU B 88 27.28 20.53 9.83
CA LEU B 88 28.47 21.20 9.27
C LEU B 88 29.63 20.32 9.71
N TRP B 89 30.46 19.86 8.80
CA TRP B 89 31.46 18.84 9.12
C TRP B 89 32.75 19.09 8.37
N SER B 90 33.84 18.69 9.01
CA SER B 90 35.20 18.68 8.41
C SER B 90 35.90 17.46 9.03
N PRO B 91 36.73 16.72 8.28
CA PRO B 91 37.51 15.63 8.89
C PRO B 91 38.54 16.12 9.88
N LYS B 92 38.83 17.41 9.85
CA LYS B 92 39.81 18.03 10.75
C LYS B 92 39.11 18.35 12.07
N ALA B 93 39.61 17.78 13.14
CA ALA B 93 39.15 18.03 14.51
C ALA B 93 39.54 19.46 14.89
N GLY B 94 38.63 20.16 15.57
CA GLY B 94 38.83 21.54 16.03
C GLY B 94 38.34 22.53 14.98
N TYR B 95 38.54 22.22 13.71
CA TYR B 95 38.16 23.11 12.57
C TYR B 95 36.70 23.55 12.77
N VAL B 96 35.73 22.71 12.44
CA VAL B 96 34.28 23.00 12.60
C VAL B 96 33.92 22.88 14.08
N ASP B 97 33.88 24.01 14.79
CA ASP B 97 33.63 24.09 16.24
C ASP B 97 32.22 23.64 16.59
N ALA B 98 31.91 23.48 17.86
CA ALA B 98 30.62 22.96 18.37
C ALA B 98 29.48 23.98 18.41
N GLU B 99 29.68 25.20 17.93
CA GLU B 99 28.62 26.22 17.87
C GLU B 99 28.47 26.70 16.43
N GLY B 100 29.32 26.24 15.53
CA GLY B 100 29.29 26.61 14.11
C GLY B 100 29.73 28.04 13.88
N GLU B 101 30.66 28.55 14.66
CA GLU B 101 31.13 29.96 14.55
C GLU B 101 32.08 30.14 13.38
N VAL B 102 32.68 29.08 12.87
CA VAL B 102 33.59 29.12 11.70
C VAL B 102 32.84 29.75 10.55
N LEU B 103 31.56 29.43 10.40
CA LEU B 103 30.71 29.95 9.32
C LEU B 103 30.74 31.49 9.35
N LYS B 104 30.75 32.10 10.54
CA LYS B 104 30.83 33.57 10.69
C LYS B 104 32.29 34.00 10.88
N SER B 105 33.13 33.18 11.48
CA SER B 105 34.51 33.55 11.86
C SER B 105 35.42 33.62 10.65
N GLY B 106 35.07 32.98 9.54
CA GLY B 106 35.80 33.16 8.26
C GLY B 106 37.05 32.35 8.08
N SER B 107 37.87 32.70 7.10
CA SER B 107 39.18 32.04 6.84
C SER B 107 39.00 30.88 5.85
N PHE B 108 37.79 30.37 5.69
CA PHE B 108 37.54 29.21 4.82
C PHE B 108 37.21 29.76 3.46
N ARG B 109 37.65 29.08 2.43
CA ARG B 109 37.41 29.50 1.06
C ARG B 109 36.41 28.63 0.30
N HIS B 110 36.18 27.40 0.76
CA HIS B 110 35.31 26.47 0.05
C HIS B 110 34.35 25.83 1.03
N LEU B 111 33.06 25.91 0.72
CA LEU B 111 32.02 25.27 1.51
C LEU B 111 31.21 24.37 0.58
N SER B 112 31.18 23.08 0.90
CA SER B 112 30.54 22.08 0.07
C SER B 112 29.07 21.98 0.46
N ILE B 113 28.18 22.15 -0.52
CA ILE B 113 26.77 21.82 -0.32
C ILE B 113 26.32 20.93 -1.47
N ALA B 114 25.18 20.28 -1.28
CA ALA B 114 24.57 19.52 -2.36
C ALA B 114 23.77 20.47 -3.24
N ASN B 115 23.72 20.15 -4.54
CA ASN B 115 22.95 20.93 -5.49
C ASN B 115 21.54 21.15 -4.95
N PRO B 116 21.24 22.34 -4.42
CA PRO B 116 19.93 22.53 -3.75
C PRO B 116 18.76 22.53 -4.72
N LYS B 117 19.02 22.52 -6.03
CA LYS B 117 17.93 22.38 -7.00
C LYS B 117 17.51 20.93 -7.19
N THR B 118 18.33 20.00 -6.76
CA THR B 118 18.06 18.54 -6.92
C THR B 118 18.18 17.82 -5.60
N ALA B 119 18.96 18.32 -4.67
CA ALA B 119 19.25 17.59 -3.44
C ALA B 119 18.53 18.23 -2.26
N PRO B 120 17.58 17.54 -1.62
CA PRO B 120 16.95 18.09 -0.42
C PRO B 120 17.94 18.54 0.65
N TYR B 121 18.99 17.77 0.92
CA TYR B 121 19.96 18.17 1.93
C TYR B 121 20.64 19.49 1.55
N GLY B 122 20.82 19.73 0.26
CA GLY B 122 21.34 21.01 -0.18
C GLY B 122 20.35 22.14 0.06
N LEU B 123 19.06 21.87 -0.14
CA LEU B 123 18.06 22.87 0.18
C LEU B 123 18.06 23.18 1.67
N ALA B 124 18.24 22.17 2.52
CA ALA B 124 18.35 22.41 3.95
C ALA B 124 19.58 23.27 4.25
N ALA B 125 20.67 23.06 3.52
CA ALA B 125 21.87 23.86 3.73
C ALA B 125 21.61 25.32 3.38
N THR B 126 20.99 25.57 2.23
CA THR B 126 20.73 26.96 1.84
C THR B 126 19.70 27.60 2.76
N GLN B 127 18.71 26.84 3.22
CA GLN B 127 17.71 27.38 4.14
C GLN B 127 18.35 27.77 5.46
N ALA B 128 19.23 26.92 6.00
CA ALA B 128 19.85 27.23 7.27
C ALA B 128 20.81 28.41 7.15
N MET B 129 21.52 28.51 6.02
CA MET B 129 22.38 29.68 5.82
C MET B 129 21.54 30.94 5.65
N ASP B 130 20.35 30.83 5.06
CA ASP B 130 19.44 31.98 5.01
C ASP B 130 19.05 32.42 6.41
N LYS B 131 18.42 31.53 7.18
CA LYS B 131 17.93 31.91 8.49
C LYS B 131 19.06 32.22 9.45
N LEU B 132 20.29 31.81 9.13
CA LEU B 132 21.46 32.25 9.89
C LEU B 132 21.94 33.63 9.45
N GLY B 133 21.37 34.19 8.40
CA GLY B 133 21.75 35.51 7.94
C GLY B 133 23.08 35.57 7.22
N LEU B 134 23.56 34.45 6.70
CA LEU B 134 24.87 34.38 6.07
C LEU B 134 24.76 33.95 4.61
N ALA B 135 23.69 34.33 3.93
CA ALA B 135 23.51 33.91 2.55
C ALA B 135 24.40 34.73 1.61
N ALA B 136 24.43 36.05 1.80
CA ALA B 136 25.24 36.89 0.92
C ALA B 136 26.73 36.68 1.18
N THR B 137 27.11 36.46 2.43
CA THR B 137 28.53 36.28 2.76
C THR B 137 29.06 34.92 2.34
N LEU B 138 28.22 33.88 2.39
CA LEU B 138 28.67 32.53 2.08
C LEU B 138 28.42 32.12 0.63
N GLY B 139 27.46 32.76 -0.05
CA GLY B 139 27.15 32.44 -1.43
C GLY B 139 28.38 32.34 -2.29
N PRO B 140 29.15 33.43 -2.37
CA PRO B 140 30.38 33.40 -3.18
C PRO B 140 31.30 32.23 -2.86
N LYS B 141 31.28 31.71 -1.63
CA LYS B 141 32.19 30.65 -1.24
C LYS B 141 31.62 29.25 -1.48
N LEU B 142 30.38 29.13 -1.94
CA LEU B 142 29.76 27.83 -2.07
C LEU B 142 30.29 27.09 -3.31
N VAL B 143 30.33 25.76 -3.18
CA VAL B 143 30.53 24.88 -4.33
C VAL B 143 29.66 23.65 -4.13
N GLU B 144 29.00 23.23 -5.20
CA GLU B 144 27.93 22.26 -5.14
C GLU B 144 28.35 20.93 -5.73
N GLY B 145 27.93 19.85 -5.07
CA GLY B 145 28.04 18.52 -5.60
C GLY B 145 26.71 18.07 -6.20
N GLN B 146 26.78 17.12 -7.12
CA GLN B 146 25.55 16.62 -7.74
C GLN B 146 24.56 16.08 -6.71
N ASN B 147 25.06 15.63 -5.56
CA ASN B 147 24.21 15.11 -4.51
C ASN B 147 24.97 15.18 -3.20
N ILE B 148 24.27 14.83 -2.11
CA ILE B 148 24.87 14.95 -0.78
C ILE B 148 26.11 14.07 -0.66
N SER B 149 26.13 12.93 -1.37
CA SER B 149 27.31 12.07 -1.32
C SER B 149 28.53 12.79 -1.89
N GLN B 150 28.38 13.41 -3.07
CA GLN B 150 29.50 14.12 -3.66
C GLN B 150 29.90 15.33 -2.83
N ALA B 151 28.94 15.97 -2.16
CA ALA B 151 29.28 17.10 -1.29
C ALA B 151 30.09 16.64 -0.08
N TYR B 152 29.72 15.50 0.52
CA TYR B 152 30.52 14.93 1.60
C TYR B 152 31.90 14.55 1.09
N GLN B 153 31.98 13.97 -0.11
CA GLN B 153 33.27 13.55 -0.64
C GLN B 153 34.15 14.74 -0.98
N PHE B 154 33.56 15.88 -1.34
CA PHE B 154 34.35 17.09 -1.56
C PHE B 154 35.16 17.44 -0.33
N VAL B 155 34.58 17.26 0.85
CA VAL B 155 35.29 17.55 2.09
C VAL B 155 36.23 16.41 2.46
N SER B 156 35.73 15.18 2.47
CA SER B 156 36.53 13.98 2.84
C SER B 156 37.80 13.93 1.97
N SER B 157 37.72 14.31 0.70
CA SER B 157 38.89 14.21 -0.18
C SER B 157 39.83 15.39 -0.04
N GLY B 158 39.31 16.55 0.35
CA GLY B 158 40.12 17.75 0.50
C GLY B 158 39.83 18.83 -0.52
N ASN B 159 38.78 18.68 -1.33
CA ASN B 159 38.42 19.73 -2.28
C ASN B 159 37.64 20.86 -1.63
N ALA B 160 37.32 20.73 -0.34
CA ALA B 160 36.75 21.82 0.44
C ALA B 160 37.11 21.57 1.90
N GLU B 161 37.14 22.62 2.71
CA GLU B 161 37.63 22.55 4.11
C GLU B 161 36.51 22.19 5.09
N LEU B 162 35.27 22.30 4.68
CA LEU B 162 34.10 21.95 5.49
C LEU B 162 32.89 21.91 4.55
N GLY B 163 31.79 21.35 5.01
CA GLY B 163 30.57 21.31 4.24
C GLY B 163 29.36 20.89 5.05
N PHE B 164 28.19 21.16 4.48
CA PHE B 164 26.92 20.70 5.05
C PHE B 164 26.64 19.30 4.52
N VAL B 165 26.70 18.31 5.40
CA VAL B 165 26.58 16.91 5.04
C VAL B 165 25.42 16.28 5.80
N ALA B 166 24.98 15.14 5.28
CA ALA B 166 23.96 14.34 5.95
C ALA B 166 24.56 13.63 7.16
N LEU B 167 23.83 13.66 8.27
CA LEU B 167 24.32 13.03 9.49
C LEU B 167 24.59 11.54 9.29
N SER B 168 23.86 10.88 8.40
CA SER B 168 24.09 9.47 8.14
C SER B 168 25.52 9.20 7.67
N GLN B 169 26.22 10.23 7.20
CA GLN B 169 27.55 10.07 6.62
C GLN B 169 28.67 10.21 7.63
N ILE B 170 28.38 10.63 8.86
CA ILE B 170 29.41 10.86 9.85
C ILE B 170 28.97 10.35 11.22
N TYR B 171 27.84 9.64 11.26
CA TYR B 171 27.22 9.23 12.51
C TYR B 171 27.32 7.72 12.65
N LYS B 172 27.84 7.27 13.78
CA LYS B 172 27.92 5.84 14.09
C LYS B 172 26.72 5.46 14.94
N ASP B 173 26.92 4.65 15.98
CA ASP B 173 25.86 4.27 16.90
C ASP B 173 25.79 5.26 18.07
N GLY B 174 25.01 6.31 17.87
CA GLY B 174 24.80 7.31 18.90
C GLY B 174 25.84 8.41 18.98
N LYS B 175 26.65 8.60 17.94
CA LYS B 175 27.73 9.57 18.01
C LYS B 175 28.21 9.92 16.61
N VAL B 176 28.69 11.16 16.46
CA VAL B 176 29.50 11.52 15.30
C VAL B 176 30.89 10.93 15.55
N ALA B 177 31.34 10.08 14.64
CA ALA B 177 32.51 9.25 14.89
C ALA B 177 33.79 9.79 14.29
N THR B 178 33.74 10.90 13.55
CA THR B 178 34.94 11.35 12.84
C THR B 178 34.93 12.86 12.69
N GLY B 179 36.14 13.43 12.73
CA GLY B 179 36.32 14.84 12.41
C GLY B 179 35.71 15.76 13.45
N SER B 180 35.18 16.87 12.93
CA SER B 180 34.56 17.95 13.73
C SER B 180 33.18 18.26 13.15
N ALA B 181 32.17 18.40 14.01
CA ALA B 181 30.78 18.57 13.57
C ALA B 181 29.98 19.59 14.36
N TRP B 182 29.05 20.27 13.70
CA TRP B 182 28.08 21.16 14.34
C TRP B 182 26.71 20.67 13.88
N ILE B 183 25.88 20.19 14.76
CA ILE B 183 24.53 19.73 14.44
C ILE B 183 23.67 20.96 14.13
N VAL B 184 23.36 21.16 12.86
CA VAL B 184 22.47 22.24 12.44
C VAL B 184 21.14 22.13 13.19
N PRO B 185 20.82 23.06 14.08
CA PRO B 185 19.52 22.98 14.76
C PRO B 185 18.38 23.10 13.76
N THR B 186 17.30 22.35 14.01
CA THR B 186 16.22 22.23 13.03
C THR B 186 15.49 23.54 12.81
N GLU B 187 15.67 24.51 13.71
CA GLU B 187 14.94 25.78 13.59
C GLU B 187 15.29 26.54 12.32
N LEU B 188 16.42 26.22 11.70
CA LEU B 188 16.94 27.03 10.59
C LEU B 188 16.49 26.52 9.22
N HIS B 189 15.89 25.34 9.14
CA HIS B 189 15.43 24.82 7.86
C HIS B 189 14.22 23.91 8.10
N ASP B 190 13.53 23.61 7.02
CA ASP B 190 12.39 22.70 7.11
C ASP B 190 12.87 21.31 7.52
N PRO B 191 12.13 20.61 8.38
CA PRO B 191 12.55 19.25 8.76
C PRO B 191 12.75 18.35 7.55
N ILE B 192 13.79 17.52 7.63
CA ILE B 192 14.19 16.66 6.51
C ILE B 192 13.36 15.38 6.54
N ARG B 193 12.06 15.50 6.27
CA ARG B 193 11.19 14.33 6.20
C ARG B 193 11.45 13.59 4.89
N GLN B 194 11.78 12.31 5.00
CA GLN B 194 12.16 11.48 3.86
C GLN B 194 11.08 10.43 3.62
N ASP B 195 10.44 10.49 2.46
CA ASP B 195 9.31 9.63 2.13
C ASP B 195 9.71 8.56 1.13
N ALA B 196 9.24 7.34 1.37
CA ALA B 196 9.32 6.22 0.44
C ALA B 196 7.96 5.99 -0.21
N VAL B 197 8.00 5.35 -1.38
CA VAL B 197 6.86 5.26 -2.27
C VAL B 197 7.07 4.10 -3.24
N ILE B 198 5.97 3.46 -3.64
CA ILE B 198 5.97 2.49 -4.74
C ILE B 198 5.47 3.20 -5.99
N LEU B 199 6.17 3.00 -7.10
CA LEU B 199 5.88 3.73 -8.33
C LEU B 199 4.88 2.97 -9.21
N ASN B 200 4.45 3.64 -10.28
CA ASN B 200 3.43 3.09 -11.16
C ASN B 200 3.77 1.67 -11.61
N LYS B 201 4.96 1.47 -12.15
CA LYS B 201 5.34 0.16 -12.68
C LYS B 201 5.80 -0.78 -11.58
N GLY B 202 5.65 -0.40 -10.32
CA GLY B 202 5.91 -1.31 -9.22
C GLY B 202 4.65 -1.81 -8.54
N LYS B 203 3.48 -1.48 -9.05
CA LYS B 203 2.25 -2.01 -8.47
C LYS B 203 2.28 -3.54 -8.59
N ASP B 204 1.56 -4.19 -7.68
CA ASP B 204 1.47 -5.65 -7.66
C ASP B 204 2.80 -6.35 -7.96
N ASN B 205 3.90 -5.75 -7.57
CA ASN B 205 5.19 -6.43 -7.57
C ASN B 205 5.43 -6.87 -6.13
N ALA B 206 5.79 -8.14 -5.94
CA ALA B 206 5.85 -8.68 -4.59
C ALA B 206 7.11 -8.24 -3.84
N ALA B 207 8.22 -8.06 -4.56
CA ALA B 207 9.43 -7.59 -3.91
C ALA B 207 9.28 -6.15 -3.45
N ALA B 208 8.52 -5.33 -4.18
CA ALA B 208 8.31 -3.94 -3.78
C ALA B 208 7.48 -3.86 -2.50
N LYS B 209 6.34 -4.55 -2.46
CA LYS B 209 5.53 -4.57 -1.25
C LYS B 209 6.31 -5.13 -0.08
N ALA B 210 7.04 -6.24 -0.30
CA ALA B 210 7.88 -6.79 0.76
C ALA B 210 8.88 -5.75 1.24
N LEU B 211 9.45 -4.98 0.31
CA LEU B 211 10.49 -4.02 0.67
C LEU B 211 9.94 -2.88 1.51
N VAL B 212 8.78 -2.34 1.12
CA VAL B 212 8.24 -1.22 1.89
C VAL B 212 7.64 -1.72 3.20
N ASP B 213 7.20 -2.98 3.25
CA ASP B 213 6.83 -3.58 4.53
C ASP B 213 8.04 -3.75 5.44
N TYR B 214 9.23 -3.99 4.92
CA TYR B 214 10.44 -4.23 5.74
C TYR B 214 10.98 -2.90 6.25
N LEU B 215 10.80 -1.84 5.48
CA LEU B 215 11.31 -0.50 5.80
C LEU B 215 10.55 0.03 7.01
N LYS B 216 9.35 -0.47 7.24
CA LYS B 216 8.57 -0.10 8.42
C LYS B 216 8.77 -1.04 9.60
N GLY B 217 9.67 -2.01 9.50
CA GLY B 217 9.86 -2.99 10.55
C GLY B 217 10.79 -2.52 11.65
N ALA B 218 11.23 -3.48 12.46
CA ALA B 218 12.08 -3.22 13.60
C ALA B 218 13.56 -3.38 13.26
N LYS B 219 13.92 -4.43 12.53
CA LYS B 219 15.28 -4.59 12.07
C LYS B 219 15.72 -3.37 11.26
N ALA B 220 14.93 -2.99 10.28
CA ALA B 220 15.20 -1.83 9.41
C ALA B 220 15.21 -0.57 10.26
N ALA B 221 14.24 -0.42 11.15
CA ALA B 221 14.16 0.78 11.97
C ALA B 221 15.40 0.91 12.85
N ALA B 222 15.88 -0.21 13.40
CA ALA B 222 17.06 -0.16 14.25
C ALA B 222 18.30 0.25 13.46
N LEU B 223 18.44 -0.25 12.24
CA LEU B 223 19.54 0.16 11.37
C LEU B 223 19.38 1.65 11.01
N ILE B 224 18.15 2.09 10.73
CA ILE B 224 17.89 3.45 10.20
C ILE B 224 18.11 4.44 11.35
N LYS B 225 17.98 3.98 12.57
CA LYS B 225 18.24 4.79 13.78
C LYS B 225 19.74 4.72 14.10
N SER B 226 20.39 3.60 13.80
CA SER B 226 21.83 3.49 13.96
C SER B 226 22.57 4.48 13.08
N TYR B 227 21.92 5.03 12.06
CA TYR B 227 22.56 6.02 11.21
C TYR B 227 22.23 7.46 11.60
N GLY B 228 21.44 7.67 12.65
CA GLY B 228 21.17 9.01 13.17
C GLY B 228 19.92 9.60 12.57
N TYR B 229 19.23 8.81 11.74
CA TYR B 229 17.87 9.17 11.28
C TYR B 229 16.90 8.96 12.45
N GLU B 230 15.84 9.74 12.41
CA GLU B 230 14.68 9.59 13.31
C GLU B 230 13.56 8.90 12.53
N LEU B 231 12.71 8.19 13.25
CA LEU B 231 11.36 7.76 12.82
C LEU B 231 10.35 8.28 13.84
N NH4 C . -20.49 -29.74 18.19
HN1 NH4 C . -21.13 -30.13 17.55
HN2 NH4 C . -19.77 -29.30 17.69
HN3 NH4 C . -20.95 -29.10 18.75
HN4 NH4 C . -20.11 -30.46 18.74
MO MOO D . -23.83 -12.26 -2.84
O1 MOO D . -24.33 -11.47 -4.21
O2 MOO D . -25.02 -11.98 -1.64
O3 MOO D . -22.45 -11.62 -2.16
O4 MOO D . -23.63 -13.92 -3.18
C1 GOL E . 16.50 15.69 13.48
O1 GOL E . 17.25 16.83 13.08
C2 GOL E . 15.09 15.76 12.95
O2 GOL E . 14.43 14.52 13.23
C3 GOL E . 14.30 16.91 13.52
O3 GOL E . 12.92 16.83 13.19
H11 GOL E . 16.44 15.59 14.43
H12 GOL E . 16.92 14.88 13.17
HO1 GOL E . 17.30 16.81 12.22
H2 GOL E . 15.11 15.82 11.98
HO2 GOL E . 14.83 13.91 12.79
H31 GOL E . 14.70 17.73 13.22
H32 GOL E . 14.43 16.92 14.49
HO3 GOL E . 12.73 16.00 13.13
MO MOO F . 20.12 13.87 -1.61
O1 MOO F . 19.92 15.48 -1.14
O2 MOO F . 20.24 12.96 -0.18
O3 MOO F . 21.52 13.51 -2.48
O4 MOO F . 18.76 13.43 -2.54
#